data_1AX7
#
_entry.id   1AX7
#
_cell.length_a   1.000
_cell.length_b   1.000
_cell.length_c   1.000
_cell.angle_alpha   90.00
_cell.angle_beta   90.00
_cell.angle_gamma   90.00
#
_symmetry.space_group_name_H-M   'P 1'
#
loop_
_entity.id
_entity.type
_entity.pdbx_description
1 polymer 'DNA DUPLEX D(AAC-[AF]G-CTACCATCC)D(GGATGGTAG)'
2 polymer 'DNA DUPLEX D(AAC-[AF]G-CTACCATCC)D(GGATGGTAG)'
3 non-polymer 2-AMINOFLUORENE
#
loop_
_entity_poly.entity_id
_entity_poly.type
_entity_poly.pdbx_seq_one_letter_code
_entity_poly.pdbx_strand_id
1 'polydeoxyribonucleotide' (DA)(DA)(DC)(DG)(DC)(DT)(DA)(DC)(DC)(DA)(DT)(DC)(DC) A
2 'polydeoxyribonucleotide' (DG)(DG)(DA)(DT)(DG)(DG)(DT)(DA)(DG) B
#